data_2RA1
#
_entry.id   2RA1
#
_cell.length_a   49.645
_cell.length_b   94.877
_cell.length_c   59.646
_cell.angle_alpha   90.000
_cell.angle_beta   106.680
_cell.angle_gamma   90.000
#
_symmetry.space_group_name_H-M   'P 1 21 1'
#
loop_
_entity.id
_entity.type
_entity.pdbx_description
1 polymer 'Surface layer protein'
2 water water
#
_entity_poly.entity_id   1
_entity_poly.type   'polypeptide(L)'
_entity_poly.pdbx_seq_one_letter_code
;TDVATVVSQAKAQMKEAYYTYSHTVTETGQFPDIKDVYAAYNKAKQAYANAVAVVNKAGGAKKDAYLADLQAIYETYVFK
ANPKSGEARVATYIDAYNYATKLDKMRQELKAAVDAKDLKKAEELYHKISYELKTRTVILDRVYGQSTRELLRSTFKADA
QALRDRLIYDITVAMKAREAQDAVKAGNLDKAKAALDQVNQYVSKVTDAFKAELQKAAQDAKAAYEAALTPKVESVSAID
STSFKVTFTKPVDKATAIPKNFSITLKGTETKLYPKSVEVSESGLTATVTLYDTLVDGKTYTVVTSGLKDTAGKEFETST
NEFTYNKPVPASITFNFNKLPEDSAVDLTKYVTVKDAAGNVIKSGFELEFTSSEKLTQGKFINTTGKKSVIVNATVKGTN
VTTGNVILAVED
;
_entity_poly.pdbx_strand_id   A
#
# COMPACT_ATOMS: atom_id res chain seq x y z
N THR A 1 -26.56 -48.70 -46.65
CA THR A 1 -27.43 -48.36 -47.79
C THR A 1 -28.91 -48.17 -47.45
N ASP A 2 -29.50 -49.07 -46.69
CA ASP A 2 -30.90 -48.89 -46.32
C ASP A 2 -31.03 -47.69 -45.37
N VAL A 3 -32.10 -46.91 -45.53
CA VAL A 3 -32.28 -45.69 -44.76
C VAL A 3 -32.28 -45.93 -43.24
N ALA A 4 -33.00 -46.95 -42.77
CA ALA A 4 -33.05 -47.20 -41.32
C ALA A 4 -31.64 -47.34 -40.74
N THR A 5 -30.79 -48.08 -41.43
CA THR A 5 -29.40 -48.31 -41.02
C THR A 5 -28.52 -47.07 -41.09
N VAL A 6 -28.70 -46.29 -42.14
CA VAL A 6 -27.91 -45.07 -42.28
C VAL A 6 -28.15 -44.11 -41.12
N VAL A 7 -29.42 -43.88 -40.77
CA VAL A 7 -29.70 -42.93 -39.71
C VAL A 7 -29.27 -43.54 -38.39
N SER A 8 -29.51 -44.84 -38.24
CA SER A 8 -29.03 -45.55 -37.07
C SER A 8 -27.52 -45.26 -36.85
N GLN A 9 -26.74 -45.36 -37.92
CA GLN A 9 -25.30 -45.22 -37.82
C GLN A 9 -24.81 -43.78 -37.58
N ALA A 10 -25.46 -42.83 -38.22
CA ALA A 10 -25.08 -41.43 -38.09
C ALA A 10 -25.32 -40.96 -36.65
N LYS A 11 -26.38 -41.47 -36.03
CA LYS A 11 -26.65 -41.17 -34.62
C LYS A 11 -25.60 -41.77 -33.71
N ALA A 12 -25.22 -43.01 -34.01
CA ALA A 12 -24.15 -43.65 -33.27
C ALA A 12 -22.86 -42.84 -33.41
N GLN A 13 -22.63 -42.29 -34.60
CA GLN A 13 -21.39 -41.55 -34.86
C GLN A 13 -21.35 -40.22 -34.09
N MET A 14 -22.52 -39.59 -33.95
CA MET A 14 -22.67 -38.36 -33.21
C MET A 14 -22.38 -38.57 -31.75
N LYS A 15 -22.98 -39.60 -31.19
CA LYS A 15 -22.70 -39.90 -29.80
C LYS A 15 -21.24 -40.26 -29.61
N GLU A 16 -20.69 -41.04 -30.53
CA GLU A 16 -19.30 -41.46 -30.47
C GLU A 16 -18.39 -40.27 -30.26
N ALA A 17 -18.71 -39.17 -30.92
CA ALA A 17 -17.92 -37.95 -30.78
C ALA A 17 -17.93 -37.41 -29.34
N TYR A 18 -19.05 -37.53 -28.65
CA TYR A 18 -19.14 -37.13 -27.25
C TYR A 18 -18.38 -38.10 -26.35
N TYR A 19 -18.43 -39.38 -26.69
CA TYR A 19 -17.67 -40.41 -25.97
C TYR A 19 -16.17 -40.21 -26.05
N THR A 20 -15.74 -39.67 -27.18
CA THR A 20 -14.33 -39.35 -27.45
C THR A 20 -13.68 -38.58 -26.31
N TYR A 21 -14.41 -37.64 -25.73
CA TYR A 21 -13.89 -36.94 -24.57
C TYR A 21 -14.45 -37.48 -23.24
N SER A 22 -15.74 -37.79 -23.20
CA SER A 22 -16.34 -38.14 -21.93
C SER A 22 -15.80 -39.45 -21.37
N HIS A 23 -15.67 -40.45 -22.22
CA HIS A 23 -15.14 -41.75 -21.79
C HIS A 23 -13.74 -41.67 -21.18
N THR A 24 -12.84 -40.93 -21.82
CA THR A 24 -11.46 -40.83 -21.34
C THR A 24 -11.34 -39.98 -20.07
N VAL A 25 -12.17 -38.96 -19.95
CA VAL A 25 -12.24 -38.21 -18.72
C VAL A 25 -12.65 -39.14 -17.57
N THR A 26 -13.63 -39.99 -17.83
CA THR A 26 -14.19 -40.83 -16.78
C THR A 26 -13.28 -41.99 -16.45
N GLU A 27 -12.65 -42.55 -17.47
CA GLU A 27 -11.87 -43.75 -17.26
C GLU A 27 -10.47 -43.45 -16.73
N THR A 28 -9.86 -42.38 -17.25
CA THR A 28 -8.46 -42.11 -16.96
C THR A 28 -8.22 -40.82 -16.15
N GLY A 29 -9.27 -40.02 -15.96
CA GLY A 29 -9.13 -38.74 -15.31
C GLY A 29 -8.24 -37.82 -16.11
N GLN A 30 -8.28 -37.97 -17.43
CA GLN A 30 -7.51 -37.10 -18.33
C GLN A 30 -8.33 -36.65 -19.51
N PHE A 31 -7.79 -35.73 -20.29
CA PHE A 31 -8.47 -35.25 -21.49
C PHE A 31 -7.87 -35.90 -22.74
N PRO A 32 -8.69 -36.07 -23.77
CA PRO A 32 -8.15 -36.58 -25.03
C PRO A 32 -7.29 -35.51 -25.68
N ASP A 33 -6.54 -35.87 -26.72
CA ASP A 33 -5.94 -34.85 -27.56
C ASP A 33 -7.09 -34.08 -28.19
N ILE A 34 -7.04 -32.74 -28.13
CA ILE A 34 -8.13 -31.95 -28.68
C ILE A 34 -8.34 -32.22 -30.17
N LYS A 35 -7.29 -32.69 -30.83
CA LYS A 35 -7.32 -32.88 -32.27
C LYS A 35 -8.09 -34.15 -32.64
N ASP A 36 -8.08 -35.14 -31.75
CA ASP A 36 -8.89 -36.34 -31.92
C ASP A 36 -10.37 -35.98 -31.76
N VAL A 37 -10.65 -35.09 -30.80
CA VAL A 37 -11.98 -34.58 -30.59
C VAL A 37 -12.46 -33.73 -31.77
N TYR A 38 -11.56 -32.95 -32.38
CA TYR A 38 -11.96 -32.22 -33.57
C TYR A 38 -12.25 -33.18 -34.70
N ALA A 39 -11.37 -34.17 -34.89
CA ALA A 39 -11.60 -35.19 -35.90
C ALA A 39 -12.97 -35.86 -35.73
N ALA A 40 -13.27 -36.34 -34.52
CA ALA A 40 -14.59 -36.93 -34.23
C ALA A 40 -15.72 -35.94 -34.47
N TYR A 41 -15.46 -34.67 -34.14
CA TYR A 41 -16.44 -33.61 -34.32
C TYR A 41 -16.79 -33.50 -35.80
N ASN A 42 -15.77 -33.53 -36.66
CA ASN A 42 -16.03 -33.38 -38.09
C ASN A 42 -16.70 -34.60 -38.73
N LYS A 43 -16.28 -35.78 -38.31
CA LYS A 43 -16.92 -37.02 -38.75
C LYS A 43 -18.42 -37.00 -38.45
N ALA A 44 -18.78 -36.49 -37.28
CA ALA A 44 -20.18 -36.45 -36.87
C ALA A 44 -20.97 -35.49 -37.73
N LYS A 45 -20.39 -34.33 -38.00
CA LYS A 45 -21.05 -33.36 -38.87
C LYS A 45 -21.30 -33.93 -40.26
N GLN A 46 -20.32 -34.64 -40.79
CA GLN A 46 -20.43 -35.22 -42.12
C GLN A 46 -21.37 -36.40 -42.10
N ALA A 47 -21.38 -37.14 -41.00
CA ALA A 47 -22.30 -38.24 -40.85
C ALA A 47 -23.71 -37.65 -40.82
N TYR A 48 -23.84 -36.49 -40.19
CA TYR A 48 -25.12 -35.82 -40.09
C TYR A 48 -25.60 -35.41 -41.48
N ALA A 49 -24.80 -34.58 -42.15
CA ALA A 49 -25.19 -34.08 -43.45
C ALA A 49 -25.53 -35.23 -44.41
N ASN A 50 -24.65 -36.22 -44.51
CA ASN A 50 -24.90 -37.36 -45.38
C ASN A 50 -26.21 -38.07 -45.04
N ALA A 51 -26.48 -38.22 -43.75
CA ALA A 51 -27.69 -38.89 -43.30
C ALA A 51 -28.92 -38.11 -43.73
N VAL A 52 -28.82 -36.78 -43.67
CA VAL A 52 -29.92 -35.92 -44.10
C VAL A 52 -30.26 -36.12 -45.58
N ALA A 53 -29.25 -36.04 -46.44
CA ALA A 53 -29.45 -36.20 -47.87
C ALA A 53 -30.05 -37.56 -48.20
N VAL A 54 -29.62 -38.60 -47.50
CA VAL A 54 -30.15 -39.93 -47.75
C VAL A 54 -31.63 -40.02 -47.36
N VAL A 55 -32.00 -39.31 -46.29
CA VAL A 55 -33.37 -39.32 -45.80
C VAL A 55 -34.28 -38.50 -46.74
N ASN A 56 -33.77 -37.35 -47.19
CA ASN A 56 -34.51 -36.51 -48.11
C ASN A 56 -34.91 -37.25 -49.38
N LYS A 57 -34.12 -38.28 -49.71
CA LYS A 57 -34.28 -39.01 -50.95
C LYS A 57 -35.22 -40.20 -50.77
N ALA A 58 -34.92 -41.06 -49.80
CA ALA A 58 -35.62 -42.34 -49.68
C ALA A 58 -36.32 -42.63 -48.34
N GLY A 59 -36.63 -41.59 -47.56
CA GLY A 59 -37.29 -41.78 -46.28
C GLY A 59 -38.79 -42.09 -46.35
N GLY A 60 -39.43 -41.68 -47.44
CA GLY A 60 -40.87 -41.87 -47.59
C GLY A 60 -41.70 -41.25 -46.48
N ALA A 61 -42.55 -42.05 -45.87
CA ALA A 61 -43.51 -41.53 -44.90
C ALA A 61 -42.87 -41.23 -43.55
N LYS A 62 -41.59 -41.55 -43.40
CA LYS A 62 -40.90 -41.24 -42.14
C LYS A 62 -39.88 -40.11 -42.31
N LYS A 63 -39.82 -39.52 -43.49
CA LYS A 63 -38.84 -38.47 -43.75
C LYS A 63 -38.71 -37.47 -42.60
N ASP A 64 -39.82 -36.84 -42.22
CA ASP A 64 -39.77 -35.78 -41.21
C ASP A 64 -39.40 -36.29 -39.82
N ALA A 65 -39.85 -37.49 -39.47
CA ALA A 65 -39.52 -38.06 -38.17
C ALA A 65 -38.03 -38.37 -38.10
N TYR A 66 -37.46 -38.78 -39.23
CA TYR A 66 -36.03 -39.09 -39.32
C TYR A 66 -35.19 -37.83 -39.13
N LEU A 67 -35.57 -36.74 -39.80
CA LEU A 67 -34.79 -35.52 -39.77
C LEU A 67 -34.79 -34.89 -38.37
N ALA A 68 -35.97 -34.95 -37.73
CA ALA A 68 -36.14 -34.51 -36.36
C ALA A 68 -35.32 -35.37 -35.41
N ASP A 69 -35.33 -36.69 -35.62
CA ASP A 69 -34.55 -37.57 -34.75
C ASP A 69 -33.06 -37.23 -34.86
N LEU A 70 -32.56 -37.19 -36.09
CA LEU A 70 -31.19 -36.82 -36.40
C LEU A 70 -30.80 -35.48 -35.79
N GLN A 71 -31.69 -34.51 -35.93
CA GLN A 71 -31.44 -33.16 -35.47
C GLN A 71 -31.34 -33.15 -33.94
N ALA A 72 -32.24 -33.88 -33.30
CA ALA A 72 -32.27 -33.97 -31.86
C ALA A 72 -30.97 -34.54 -31.31
N ILE A 73 -30.44 -35.55 -31.98
CA ILE A 73 -29.23 -36.22 -31.51
C ILE A 73 -28.05 -35.28 -31.73
N TYR A 74 -28.03 -34.65 -32.90
CA TYR A 74 -27.03 -33.67 -33.25
C TYR A 74 -26.97 -32.55 -32.22
N GLU A 75 -28.10 -31.91 -31.97
CA GLU A 75 -28.17 -30.78 -31.08
C GLU A 75 -27.78 -31.11 -29.66
N THR A 76 -27.96 -32.36 -29.28
CA THR A 76 -27.64 -32.79 -27.92
C THR A 76 -26.15 -33.09 -27.78
N TYR A 77 -25.62 -33.83 -28.75
CA TYR A 77 -24.29 -34.40 -28.61
C TYR A 77 -23.19 -33.60 -29.27
N VAL A 78 -23.51 -32.89 -30.33
CA VAL A 78 -22.45 -32.25 -31.09
C VAL A 78 -22.52 -30.74 -31.06
N PHE A 79 -23.50 -30.14 -31.70
CA PHE A 79 -23.53 -28.69 -31.75
C PHE A 79 -24.94 -28.11 -31.72
N LYS A 80 -25.09 -26.99 -31.02
CA LYS A 80 -26.33 -26.18 -31.03
C LYS A 80 -26.07 -24.73 -30.64
N ALA A 81 -26.69 -23.80 -31.37
CA ALA A 81 -26.60 -22.39 -31.00
C ALA A 81 -27.22 -22.20 -29.61
N ASN A 82 -26.54 -21.44 -28.75
CA ASN A 82 -27.04 -21.16 -27.40
C ASN A 82 -27.53 -22.36 -26.61
N PRO A 83 -26.64 -23.31 -26.37
CA PRO A 83 -26.93 -24.57 -25.66
C PRO A 83 -27.52 -24.38 -24.27
N LYS A 84 -28.47 -25.24 -23.92
CA LYS A 84 -28.82 -25.40 -22.51
C LYS A 84 -28.06 -26.60 -21.96
N SER A 85 -28.25 -26.91 -20.68
CA SER A 85 -27.52 -27.99 -20.03
C SER A 85 -27.71 -29.29 -20.75
N GLY A 86 -26.62 -29.97 -21.07
CA GLY A 86 -26.69 -31.24 -21.77
C GLY A 86 -26.77 -31.14 -23.29
N GLU A 87 -26.76 -29.92 -23.82
CA GLU A 87 -26.84 -29.76 -25.26
C GLU A 87 -25.48 -29.36 -25.83
N ALA A 88 -25.27 -29.67 -27.10
CA ALA A 88 -24.06 -29.25 -27.79
C ALA A 88 -22.83 -29.73 -27.02
N ARG A 89 -22.86 -30.97 -26.56
CA ARG A 89 -21.85 -31.43 -25.61
C ARG A 89 -20.43 -31.31 -26.17
N VAL A 90 -20.22 -31.84 -27.37
CA VAL A 90 -18.90 -31.75 -27.99
C VAL A 90 -18.41 -30.32 -28.26
N ALA A 91 -19.24 -29.49 -28.87
CA ALA A 91 -18.87 -28.10 -29.14
C ALA A 91 -18.58 -27.31 -27.85
N THR A 92 -19.36 -27.54 -26.80
CA THR A 92 -19.10 -26.85 -25.55
C THR A 92 -17.80 -27.29 -24.88
N TYR A 93 -17.54 -28.60 -24.95
CA TYR A 93 -16.30 -29.17 -24.46
C TYR A 93 -15.09 -28.60 -25.21
N ILE A 94 -15.17 -28.59 -26.54
CA ILE A 94 -14.07 -28.04 -27.33
C ILE A 94 -13.76 -26.61 -26.89
N ASP A 95 -14.79 -25.78 -26.84
CA ASP A 95 -14.66 -24.36 -26.46
C ASP A 95 -14.09 -24.15 -25.07
N ALA A 96 -14.45 -25.04 -24.14
CA ALA A 96 -13.99 -24.95 -22.76
C ALA A 96 -12.57 -25.47 -22.64
N TYR A 97 -12.27 -26.55 -23.35
CA TYR A 97 -10.92 -27.07 -23.34
C TYR A 97 -9.96 -26.05 -23.95
N ASN A 98 -10.37 -25.46 -25.07
CA ASN A 98 -9.62 -24.39 -25.70
C ASN A 98 -9.50 -23.15 -24.80
N TYR A 99 -10.58 -22.80 -24.10
CA TYR A 99 -10.51 -21.68 -23.19
C TYR A 99 -9.48 -21.96 -22.10
N ALA A 100 -9.58 -23.16 -21.54
CA ALA A 100 -8.74 -23.60 -20.44
C ALA A 100 -7.24 -23.72 -20.80
N THR A 101 -6.92 -24.16 -22.01
CA THR A 101 -5.51 -24.31 -22.41
C THR A 101 -4.91 -22.98 -22.82
N LYS A 102 -5.76 -22.05 -23.25
CA LYS A 102 -5.32 -20.67 -23.44
C LYS A 102 -4.98 -20.05 -22.08
N LEU A 103 -5.82 -20.26 -21.09
CA LEU A 103 -5.44 -19.85 -19.75
C LEU A 103 -4.04 -20.36 -19.40
N ASP A 104 -3.80 -21.65 -19.58
CA ASP A 104 -2.54 -22.29 -19.18
C ASP A 104 -1.37 -21.65 -19.91
N LYS A 105 -1.57 -21.42 -21.20
CA LYS A 105 -0.56 -20.82 -22.04
C LYS A 105 -0.24 -19.38 -21.63
N MET A 106 -1.30 -18.64 -21.28
CA MET A 106 -1.14 -17.26 -20.82
C MET A 106 -0.42 -17.25 -19.47
N ARG A 107 -0.79 -18.18 -18.60
CA ARG A 107 -0.14 -18.30 -17.32
C ARG A 107 1.36 -18.55 -17.55
N GLN A 108 1.68 -19.54 -18.39
CA GLN A 108 3.07 -19.86 -18.66
C GLN A 108 3.81 -18.70 -19.30
N GLU A 109 3.09 -17.90 -20.08
CA GLU A 109 3.70 -16.75 -20.74
C GLU A 109 3.96 -15.65 -19.70
N LEU A 110 3.06 -15.56 -18.71
CA LEU A 110 3.20 -14.60 -17.62
C LEU A 110 4.41 -14.99 -16.77
N LYS A 111 4.50 -16.27 -16.45
CA LYS A 111 5.61 -16.76 -15.64
C LYS A 111 6.93 -16.43 -16.34
N ALA A 112 6.97 -16.59 -17.67
CA ALA A 112 8.19 -16.26 -18.41
C ALA A 112 8.52 -14.78 -18.27
N ALA A 113 7.49 -13.94 -18.25
CA ALA A 113 7.72 -12.50 -18.11
C ALA A 113 8.24 -12.13 -16.72
N VAL A 114 7.86 -12.87 -15.69
CA VAL A 114 8.38 -12.55 -14.37
C VAL A 114 9.75 -13.19 -14.19
N ASP A 115 9.96 -14.32 -14.85
CA ASP A 115 11.26 -14.97 -14.80
C ASP A 115 12.28 -14.11 -15.53
N ALA A 116 11.86 -13.48 -16.62
CA ALA A 116 12.75 -12.57 -17.35
C ALA A 116 12.69 -11.15 -16.81
N LYS A 117 12.03 -10.95 -15.67
CA LYS A 117 11.85 -9.62 -15.09
C LYS A 117 11.42 -8.54 -16.10
N ASP A 118 10.47 -8.86 -16.95
CA ASP A 118 9.95 -7.93 -17.95
C ASP A 118 8.60 -7.32 -17.48
N LEU A 119 8.68 -6.18 -16.80
CA LEU A 119 7.53 -5.61 -16.13
C LEU A 119 6.38 -5.29 -17.09
N LYS A 120 6.70 -4.67 -18.22
CA LYS A 120 5.68 -4.28 -19.19
C LYS A 120 4.96 -5.48 -19.79
N LYS A 121 5.68 -6.54 -20.08
CA LYS A 121 5.05 -7.71 -20.65
C LYS A 121 4.17 -8.39 -19.58
N ALA A 122 4.64 -8.37 -18.33
CA ALA A 122 3.87 -8.97 -17.25
C ALA A 122 2.61 -8.19 -16.99
N GLU A 123 2.71 -6.88 -17.13
CA GLU A 123 1.56 -6.02 -16.89
C GLU A 123 0.48 -6.31 -17.94
N GLU A 124 0.89 -6.43 -19.18
CA GLU A 124 -0.05 -6.69 -20.27
C GLU A 124 -0.78 -8.00 -20.05
N LEU A 125 -0.01 -9.07 -19.86
CA LEU A 125 -0.56 -10.39 -19.64
C LEU A 125 -1.43 -10.49 -18.38
N TYR A 126 -1.13 -9.70 -17.36
CA TYR A 126 -1.91 -9.71 -16.15
C TYR A 126 -3.31 -9.21 -16.47
N HIS A 127 -3.39 -8.21 -17.33
CA HIS A 127 -4.68 -7.63 -17.66
C HIS A 127 -5.46 -8.56 -18.56
N LYS A 128 -4.79 -9.08 -19.58
CA LYS A 128 -5.40 -10.04 -20.49
C LYS A 128 -5.89 -11.27 -19.76
N ILE A 129 -5.09 -11.77 -18.83
CA ILE A 129 -5.45 -12.99 -18.13
C ILE A 129 -6.57 -12.73 -17.11
N SER A 130 -6.53 -11.54 -16.51
CA SER A 130 -7.58 -11.10 -15.62
C SER A 130 -8.90 -11.07 -16.36
N TYR A 131 -8.87 -10.56 -17.59
CA TYR A 131 -10.08 -10.44 -18.40
C TYR A 131 -10.67 -11.81 -18.74
N GLU A 132 -9.81 -12.70 -19.22
CA GLU A 132 -10.17 -14.10 -19.48
C GLU A 132 -10.83 -14.75 -18.28
N LEU A 133 -10.24 -14.57 -17.10
CA LEU A 133 -10.72 -15.22 -15.90
C LEU A 133 -12.08 -14.68 -15.48
N LYS A 134 -12.31 -13.40 -15.73
CA LYS A 134 -13.55 -12.77 -15.26
C LYS A 134 -14.70 -12.93 -16.27
N THR A 135 -14.42 -12.62 -17.52
CA THR A 135 -15.48 -12.54 -18.51
C THR A 135 -15.81 -13.87 -19.20
N ARG A 136 -14.86 -14.78 -19.29
CA ARG A 136 -15.06 -15.94 -20.16
C ARG A 136 -15.12 -17.27 -19.40
N THR A 137 -15.10 -17.22 -18.09
CA THR A 137 -15.19 -18.48 -17.36
C THR A 137 -16.55 -19.14 -17.52
N VAL A 138 -17.55 -18.36 -17.93
CA VAL A 138 -18.88 -18.90 -18.20
C VAL A 138 -18.83 -20.05 -19.24
N ILE A 139 -17.86 -19.96 -20.16
CA ILE A 139 -17.61 -21.01 -21.14
C ILE A 139 -17.55 -22.37 -20.45
N LEU A 140 -16.88 -22.39 -19.30
CA LEU A 140 -16.77 -23.59 -18.49
C LEU A 140 -18.10 -24.06 -17.95
N ASP A 141 -18.99 -23.13 -17.61
CA ASP A 141 -20.30 -23.52 -17.10
C ASP A 141 -21.12 -24.36 -18.11
N ARG A 142 -20.97 -24.07 -19.40
CA ARG A 142 -21.71 -24.78 -20.46
C ARG A 142 -21.23 -26.21 -20.72
N VAL A 143 -20.24 -26.67 -19.96
CA VAL A 143 -19.74 -28.03 -20.13
C VAL A 143 -20.63 -29.01 -19.38
N TYR A 144 -20.92 -30.12 -20.03
CA TYR A 144 -21.75 -31.19 -19.48
C TYR A 144 -20.92 -32.17 -18.65
N GLY A 145 -21.32 -32.36 -17.41
CA GLY A 145 -20.52 -33.17 -16.51
C GLY A 145 -19.78 -32.37 -15.45
N GLN A 146 -20.36 -32.32 -14.26
CA GLN A 146 -19.72 -31.70 -13.11
C GLN A 146 -18.28 -32.20 -12.97
N SER A 147 -18.13 -33.52 -13.04
CA SER A 147 -16.83 -34.15 -13.00
C SER A 147 -15.85 -33.50 -13.96
N THR A 148 -16.30 -33.19 -15.17
CA THR A 148 -15.35 -32.73 -16.19
C THR A 148 -15.16 -31.21 -16.08
N ARG A 149 -16.23 -30.50 -15.72
CA ARG A 149 -16.10 -29.08 -15.39
C ARG A 149 -15.06 -28.90 -14.31
N GLU A 150 -15.15 -29.71 -13.25
CA GLU A 150 -14.18 -29.63 -12.16
C GLU A 150 -12.77 -30.02 -12.61
N LEU A 151 -12.67 -30.98 -13.52
CA LEU A 151 -11.37 -31.34 -14.07
C LEU A 151 -10.77 -30.18 -14.85
N LEU A 152 -11.59 -29.43 -15.58
CA LEU A 152 -11.07 -28.26 -16.29
C LEU A 152 -10.58 -27.15 -15.36
N ARG A 153 -11.33 -26.86 -14.30
CA ARG A 153 -10.94 -25.81 -13.35
C ARG A 153 -9.66 -26.18 -12.59
N SER A 154 -9.62 -27.38 -12.03
CA SER A 154 -8.44 -27.81 -11.28
C SER A 154 -7.19 -27.95 -12.15
N THR A 155 -7.36 -28.51 -13.33
CA THR A 155 -6.23 -28.77 -14.21
C THR A 155 -5.58 -27.46 -14.65
N PHE A 156 -6.39 -26.51 -15.11
CA PHE A 156 -5.89 -25.34 -15.81
C PHE A 156 -6.17 -24.00 -15.13
N LYS A 157 -7.36 -23.89 -14.55
CA LYS A 157 -7.82 -22.57 -14.12
C LYS A 157 -7.19 -22.09 -12.82
N ALA A 158 -7.10 -23.00 -11.84
CA ALA A 158 -6.58 -22.69 -10.51
C ALA A 158 -5.17 -22.11 -10.50
N ASP A 159 -4.29 -22.69 -11.33
CA ASP A 159 -2.92 -22.22 -11.48
C ASP A 159 -2.90 -20.82 -12.06
N ALA A 160 -3.72 -20.57 -13.07
CA ALA A 160 -3.76 -19.26 -13.70
C ALA A 160 -4.22 -18.16 -12.73
N GLN A 161 -5.23 -18.47 -11.91
CA GLN A 161 -5.75 -17.53 -10.93
C GLN A 161 -4.67 -17.21 -9.92
N ALA A 162 -3.96 -18.25 -9.47
CA ALA A 162 -2.95 -18.07 -8.45
C ALA A 162 -1.80 -17.17 -8.91
N LEU A 163 -1.39 -17.29 -10.16
CA LEU A 163 -0.27 -16.48 -10.65
C LEU A 163 -0.75 -15.06 -10.76
N ARG A 164 -1.96 -14.91 -11.26
CA ARG A 164 -2.52 -13.58 -11.44
C ARG A 164 -2.65 -12.89 -10.10
N ASP A 165 -3.30 -13.53 -9.13
CA ASP A 165 -3.50 -12.90 -7.82
C ASP A 165 -2.19 -12.45 -7.20
N ARG A 166 -1.18 -13.30 -7.35
CA ARG A 166 0.10 -13.10 -6.69
C ARG A 166 0.78 -11.81 -7.16
N LEU A 167 0.41 -11.36 -8.36
CA LEU A 167 1.04 -10.22 -8.99
C LEU A 167 0.29 -8.89 -8.86
N ILE A 168 -0.81 -8.87 -8.11
CA ILE A 168 -1.69 -7.68 -8.14
C ILE A 168 -1.00 -6.43 -7.59
N TYR A 169 -0.22 -6.60 -6.53
CA TYR A 169 0.51 -5.48 -5.94
C TYR A 169 1.49 -4.92 -6.96
N ASP A 170 2.23 -5.80 -7.62
CA ASP A 170 3.23 -5.37 -8.61
C ASP A 170 2.57 -4.48 -9.67
N ILE A 171 1.45 -4.94 -10.20
CA ILE A 171 0.83 -4.22 -11.32
C ILE A 171 0.19 -2.92 -10.82
N THR A 172 -0.38 -2.96 -9.62
CA THR A 172 -0.98 -1.75 -9.08
C THR A 172 0.10 -0.68 -8.88
N VAL A 173 1.23 -1.01 -8.26
CA VAL A 173 2.18 0.08 -8.02
C VAL A 173 2.78 0.61 -9.32
N ALA A 174 2.97 -0.25 -10.32
CA ALA A 174 3.49 0.25 -11.60
C ALA A 174 2.49 1.20 -12.23
N MET A 175 1.21 0.90 -12.09
CA MET A 175 0.18 1.74 -12.69
C MET A 175 0.12 3.06 -11.95
N LYS A 176 0.11 2.98 -10.62
CA LYS A 176 -0.07 4.18 -9.82
C LYS A 176 1.15 5.08 -9.89
N ALA A 177 2.33 4.48 -10.03
CA ALA A 177 3.53 5.28 -10.12
C ALA A 177 3.47 6.17 -11.35
N ARG A 178 3.12 5.60 -12.49
CA ARG A 178 3.08 6.36 -13.73
C ARG A 178 1.89 7.31 -13.78
N GLU A 179 0.80 6.95 -13.09
CA GLU A 179 -0.33 7.86 -12.95
C GLU A 179 0.12 9.06 -12.15
N ALA A 180 0.96 8.80 -11.15
CA ALA A 180 1.53 9.86 -10.33
C ALA A 180 2.38 10.78 -11.19
N GLN A 181 3.37 10.22 -11.85
CA GLN A 181 4.22 11.00 -12.72
C GLN A 181 3.37 11.83 -13.65
N ASP A 182 2.44 11.17 -14.33
CA ASP A 182 1.65 11.86 -15.33
C ASP A 182 0.85 12.98 -14.70
N ALA A 183 0.43 12.80 -13.45
CA ALA A 183 -0.35 13.84 -12.78
C ALA A 183 0.48 15.09 -12.50
N VAL A 184 1.70 14.93 -11.99
CA VAL A 184 2.53 16.11 -11.74
C VAL A 184 2.92 16.76 -13.06
N LYS A 185 3.34 15.95 -14.03
CA LYS A 185 3.71 16.47 -15.33
C LYS A 185 2.52 17.21 -15.96
N ALA A 186 1.32 16.91 -15.46
CA ALA A 186 0.10 17.53 -15.97
C ALA A 186 -0.42 18.62 -15.02
N GLY A 187 0.39 19.01 -14.06
CA GLY A 187 -0.01 20.01 -13.09
C GLY A 187 -1.28 19.63 -12.35
N ASN A 188 -1.29 18.44 -11.77
CA ASN A 188 -2.41 18.00 -10.95
C ASN A 188 -1.95 17.31 -9.67
N LEU A 189 -1.72 18.09 -8.62
CA LEU A 189 -1.07 17.55 -7.42
C LEU A 189 -1.96 16.70 -6.52
N ASP A 190 -3.26 16.95 -6.55
CA ASP A 190 -4.20 16.13 -5.80
C ASP A 190 -4.27 14.75 -6.41
N LYS A 191 -4.25 14.70 -7.74
CA LYS A 191 -4.27 13.42 -8.42
C LYS A 191 -2.97 12.68 -8.13
N ALA A 192 -1.85 13.40 -8.15
CA ALA A 192 -0.55 12.76 -7.93
C ALA A 192 -0.38 12.25 -6.49
N LYS A 193 -0.85 13.01 -5.51
CA LYS A 193 -0.71 12.60 -4.11
C LYS A 193 -1.49 11.33 -3.90
N ALA A 194 -2.71 11.30 -4.43
CA ALA A 194 -3.59 10.16 -4.30
C ALA A 194 -3.01 8.91 -4.97
N ALA A 195 -2.43 9.09 -6.16
CA ALA A 195 -1.76 7.99 -6.83
C ALA A 195 -0.57 7.53 -6.00
N LEU A 196 0.13 8.52 -5.43
CA LEU A 196 1.32 8.24 -4.64
C LEU A 196 0.97 7.51 -3.34
N ASP A 197 -0.10 7.94 -2.68
CA ASP A 197 -0.58 7.26 -1.50
C ASP A 197 -0.79 5.76 -1.78
N GLN A 198 -1.34 5.44 -2.95
CA GLN A 198 -1.56 4.03 -3.28
C GLN A 198 -0.23 3.30 -3.43
N VAL A 199 0.68 3.90 -4.20
CA VAL A 199 2.04 3.41 -4.30
C VAL A 199 2.56 3.02 -2.91
N ASN A 200 2.56 3.98 -2.00
CA ASN A 200 3.08 3.79 -0.64
C ASN A 200 2.36 2.69 0.12
N GLN A 201 1.09 2.51 -0.20
CA GLN A 201 0.25 1.52 0.47
C GLN A 201 0.72 0.11 0.12
N TYR A 202 1.07 -0.09 -1.15
CA TYR A 202 1.29 -1.42 -1.67
C TYR A 202 2.75 -1.82 -1.99
N VAL A 203 3.67 -0.88 -2.05
CA VAL A 203 4.99 -1.18 -2.59
C VAL A 203 5.79 -2.15 -1.72
N SER A 204 5.44 -2.21 -0.44
CA SER A 204 6.08 -3.12 0.47
C SER A 204 5.54 -4.54 0.29
N LYS A 205 4.64 -4.72 -0.68
CA LYS A 205 4.08 -6.04 -0.95
C LYS A 205 4.38 -6.58 -2.34
N VAL A 206 5.08 -5.82 -3.18
CA VAL A 206 5.45 -6.35 -4.48
C VAL A 206 6.27 -7.63 -4.28
N THR A 207 6.26 -8.49 -5.29
CA THR A 207 7.03 -9.72 -5.25
C THR A 207 8.47 -9.44 -5.65
N ASP A 208 9.28 -10.49 -5.71
CA ASP A 208 10.67 -10.36 -6.10
C ASP A 208 10.88 -10.07 -7.58
N ALA A 209 9.94 -10.49 -8.41
CA ALA A 209 10.09 -10.42 -9.85
C ALA A 209 10.57 -9.06 -10.39
N PHE A 210 10.04 -7.97 -9.86
CA PHE A 210 10.34 -6.64 -10.38
C PHE A 210 10.61 -5.64 -9.26
N LYS A 211 11.01 -6.15 -8.09
CA LYS A 211 11.09 -5.33 -6.88
C LYS A 211 11.96 -4.09 -7.02
N ALA A 212 13.18 -4.25 -7.52
CA ALA A 212 14.07 -3.11 -7.68
C ALA A 212 13.47 -2.10 -8.63
N GLU A 213 12.95 -2.57 -9.76
CA GLU A 213 12.42 -1.62 -10.73
C GLU A 213 11.25 -0.86 -10.14
N LEU A 214 10.41 -1.59 -9.43
CA LEU A 214 9.21 -1.02 -8.83
C LEU A 214 9.54 -0.09 -7.66
N GLN A 215 10.50 -0.46 -6.82
CA GLN A 215 10.89 0.44 -5.74
C GLN A 215 11.46 1.72 -6.31
N LYS A 216 12.20 1.57 -7.42
CA LYS A 216 12.80 2.69 -8.13
C LYS A 216 11.72 3.61 -8.68
N ALA A 217 10.72 3.02 -9.33
CA ALA A 217 9.61 3.77 -9.89
C ALA A 217 8.90 4.59 -8.84
N ALA A 218 8.79 4.01 -7.65
CA ALA A 218 8.06 4.59 -6.56
C ALA A 218 8.86 5.77 -5.98
N GLN A 219 10.18 5.58 -5.88
CA GLN A 219 11.04 6.66 -5.41
C GLN A 219 11.05 7.80 -6.42
N ASP A 220 11.02 7.46 -7.71
CA ASP A 220 10.98 8.52 -8.73
C ASP A 220 9.69 9.32 -8.67
N ALA A 221 8.60 8.66 -8.30
CA ALA A 221 7.32 9.35 -8.22
C ALA A 221 7.27 10.26 -7.00
N LYS A 222 7.71 9.75 -5.86
CA LYS A 222 7.81 10.56 -4.64
C LYS A 222 8.63 11.83 -4.88
N ALA A 223 9.86 11.65 -5.34
CA ALA A 223 10.77 12.77 -5.57
C ALA A 223 10.19 13.76 -6.57
N ALA A 224 9.63 13.25 -7.65
CA ALA A 224 9.04 14.13 -8.65
C ALA A 224 7.82 14.86 -8.08
N TYR A 225 7.22 14.30 -7.04
CA TYR A 225 6.05 14.91 -6.43
C TYR A 225 6.49 16.01 -5.47
N GLU A 226 7.59 15.78 -4.78
CA GLU A 226 8.06 16.79 -3.82
C GLU A 226 8.43 18.03 -4.60
N ALA A 227 9.23 17.83 -5.63
CA ALA A 227 9.72 18.93 -6.45
C ALA A 227 8.63 19.95 -6.78
N ALA A 228 7.43 19.47 -7.06
CA ALA A 228 6.34 20.36 -7.48
C ALA A 228 5.76 21.18 -6.32
N LEU A 229 5.96 20.70 -5.10
CA LEU A 229 5.43 21.39 -3.94
C LEU A 229 6.17 22.71 -3.69
N THR A 230 5.44 23.69 -3.17
CA THR A 230 6.06 24.96 -2.84
C THR A 230 6.56 24.94 -1.39
N PRO A 231 7.83 25.32 -1.20
CA PRO A 231 8.45 25.43 0.14
C PRO A 231 7.67 26.41 1.01
N LYS A 232 7.26 25.97 2.18
CA LYS A 232 6.41 26.80 3.02
C LYS A 232 6.93 26.89 4.45
N VAL A 233 6.62 28.00 5.11
CA VAL A 233 6.84 28.12 6.54
C VAL A 233 5.59 27.58 7.19
N GLU A 234 5.77 26.57 8.02
CA GLU A 234 4.63 25.90 8.63
C GLU A 234 4.25 26.49 9.98
N SER A 235 5.21 26.90 10.78
CA SER A 235 4.86 27.35 12.12
C SER A 235 6.01 27.92 12.95
N VAL A 236 5.64 28.65 13.99
CA VAL A 236 6.61 29.10 14.97
C VAL A 236 6.07 28.86 16.37
N SER A 237 6.96 28.55 17.30
CA SER A 237 6.57 28.30 18.68
C SER A 237 7.71 28.70 19.58
N ALA A 238 7.38 29.29 20.73
CA ALA A 238 8.42 29.72 21.65
C ALA A 238 9.14 28.50 22.20
N ILE A 239 10.32 28.71 22.74
CA ILE A 239 11.10 27.64 23.37
C ILE A 239 11.45 28.07 24.79
N ASP A 240 12.16 29.17 24.88
CA ASP A 240 12.44 29.82 26.15
C ASP A 240 12.18 31.31 25.97
N SER A 241 12.69 32.14 26.87
CA SER A 241 12.39 33.56 26.83
C SER A 241 13.24 34.33 25.83
N THR A 242 14.19 33.66 25.18
CA THR A 242 15.04 34.34 24.20
C THR A 242 15.23 33.55 22.91
N SER A 243 14.28 32.67 22.60
CA SER A 243 14.37 31.87 21.39
C SER A 243 13.04 31.26 20.99
N PHE A 244 12.91 30.97 19.70
CA PHE A 244 11.71 30.32 19.20
C PHE A 244 12.05 29.34 18.09
N LYS A 245 11.15 28.39 17.87
CA LYS A 245 11.31 27.36 16.87
C LYS A 245 10.53 27.71 15.62
N VAL A 246 11.17 27.59 14.47
CA VAL A 246 10.46 27.69 13.20
C VAL A 246 10.49 26.36 12.46
N THR A 247 9.34 25.97 11.89
CA THR A 247 9.22 24.71 11.15
C THR A 247 8.98 24.93 9.64
N PHE A 248 9.71 24.19 8.81
CA PHE A 248 9.53 24.29 7.36
C PHE A 248 8.89 23.02 6.77
N THR A 249 8.14 23.17 5.69
CA THR A 249 7.52 22.02 5.04
C THR A 249 8.48 21.40 4.04
N LYS A 250 9.76 21.75 4.14
CA LYS A 250 10.71 21.44 3.08
C LYS A 250 12.06 22.03 3.47
N PRO A 251 13.11 21.19 3.50
CA PRO A 251 14.44 21.62 3.97
C PRO A 251 14.86 22.96 3.37
N VAL A 252 15.50 23.78 4.19
CA VAL A 252 15.82 25.14 3.77
C VAL A 252 17.32 25.33 3.47
N ASP A 253 17.60 26.07 2.40
CA ASP A 253 18.96 26.45 2.08
C ASP A 253 19.53 27.19 3.30
N LYS A 254 20.48 26.57 3.98
CA LYS A 254 21.03 27.10 5.22
C LYS A 254 21.72 28.45 5.06
N ALA A 255 21.98 28.86 3.82
CA ALA A 255 22.61 30.15 3.58
C ALA A 255 21.58 31.28 3.56
N THR A 256 20.31 30.90 3.51
CA THR A 256 19.21 31.87 3.59
C THR A 256 18.57 31.90 4.97
N ALA A 257 18.85 30.88 5.78
CA ALA A 257 18.32 30.79 7.13
C ALA A 257 19.13 31.61 8.13
N ILE A 258 19.25 32.91 7.87
CA ILE A 258 20.05 33.81 8.68
C ILE A 258 19.15 34.89 9.33
N PRO A 259 19.67 35.55 10.39
CA PRO A 259 18.91 36.54 11.19
C PRO A 259 18.21 37.61 10.38
N LYS A 260 18.83 38.07 9.29
CA LYS A 260 18.30 39.22 8.59
C LYS A 260 16.97 38.91 7.93
N ASN A 261 16.70 37.63 7.69
CA ASN A 261 15.49 37.20 7.01
C ASN A 261 14.35 36.88 7.96
N PHE A 262 14.52 37.27 9.22
CA PHE A 262 13.50 37.05 10.23
C PHE A 262 13.13 38.36 10.91
N SER A 263 11.84 38.60 11.08
CA SER A 263 11.36 39.79 11.76
C SER A 263 10.42 39.38 12.89
N ILE A 264 10.61 39.99 14.04
CA ILE A 264 9.83 39.62 15.21
C ILE A 264 9.30 40.88 15.84
N THR A 265 7.96 40.97 15.90
CA THR A 265 7.30 42.12 16.46
C THR A 265 6.35 41.69 17.58
N LEU A 266 6.44 42.41 18.70
CA LEU A 266 5.40 42.35 19.72
C LEU A 266 4.11 42.73 19.03
N LYS A 267 3.22 41.76 18.85
CA LYS A 267 2.07 41.93 17.96
C LYS A 267 1.22 43.16 18.25
N GLY A 268 0.87 43.88 17.19
CA GLY A 268 -0.02 45.02 17.30
C GLY A 268 0.63 46.25 17.90
N THR A 269 1.93 46.17 18.16
CA THR A 269 2.67 47.32 18.62
C THR A 269 3.85 47.55 17.69
N GLU A 270 4.74 48.47 18.05
CA GLU A 270 5.89 48.74 17.21
C GLU A 270 7.17 48.21 17.83
N THR A 271 7.05 47.57 18.98
CA THR A 271 8.21 47.01 19.66
C THR A 271 8.74 45.84 18.86
N LYS A 272 9.99 45.96 18.41
CA LYS A 272 10.60 44.94 17.57
C LYS A 272 11.84 44.33 18.20
N LEU A 273 11.91 43.01 18.16
CA LEU A 273 13.00 42.27 18.79
C LEU A 273 14.06 41.93 17.75
N TYR A 274 15.32 41.88 18.17
CA TYR A 274 16.40 41.54 17.24
C TYR A 274 16.79 40.08 17.31
N PRO A 275 16.91 39.44 16.14
CA PRO A 275 17.39 38.06 16.05
C PRO A 275 18.90 38.05 16.25
N LYS A 276 19.42 37.12 17.04
CA LYS A 276 20.85 37.03 17.24
C LYS A 276 21.50 36.02 16.30
N SER A 277 20.91 34.84 16.22
CA SER A 277 21.48 33.75 15.47
C SER A 277 20.39 32.82 14.96
N VAL A 278 20.67 32.11 13.88
CA VAL A 278 19.82 31.05 13.40
C VAL A 278 20.62 29.73 13.32
N GLU A 279 20.09 28.68 13.94
CA GLU A 279 20.75 27.37 13.96
C GLU A 279 19.84 26.34 13.32
N VAL A 280 20.17 25.93 12.10
CA VAL A 280 19.29 25.04 11.33
C VAL A 280 19.49 23.54 11.65
N SER A 281 18.41 22.77 11.58
CA SER A 281 18.49 21.32 11.62
C SER A 281 19.17 20.77 10.39
N GLU A 282 20.26 20.02 10.57
CA GLU A 282 20.73 19.20 9.48
C GLU A 282 19.52 18.42 8.99
N SER A 283 18.64 18.09 9.95
CA SER A 283 17.37 17.42 9.69
C SER A 283 16.55 18.17 8.65
N GLY A 284 17.11 19.30 8.19
CA GLY A 284 16.55 20.07 7.10
C GLY A 284 15.56 21.16 7.46
N LEU A 285 14.46 20.78 8.09
CA LEU A 285 13.25 21.59 8.08
C LEU A 285 12.79 22.16 9.43
N THR A 286 13.74 22.56 10.25
CA THR A 286 13.42 23.20 11.51
C THR A 286 14.65 23.96 12.00
N ALA A 287 14.45 25.19 12.46
CA ALA A 287 15.57 26.00 12.95
C ALA A 287 15.22 26.66 14.26
N THR A 288 16.25 26.96 15.03
CA THR A 288 16.08 27.72 16.26
C THR A 288 16.59 29.15 16.06
N VAL A 289 15.71 30.10 16.31
CA VAL A 289 16.09 31.51 16.23
C VAL A 289 16.28 32.10 17.63
N THR A 290 17.48 32.61 17.89
CA THR A 290 17.81 33.17 19.18
C THR A 290 17.72 34.70 19.08
N LEU A 291 17.12 35.31 20.11
CA LEU A 291 16.92 36.74 20.13
C LEU A 291 17.91 37.39 21.08
N TYR A 292 18.28 38.64 20.78
CA TYR A 292 19.00 39.46 21.74
C TYR A 292 18.02 39.85 22.84
N ASP A 293 16.80 40.15 22.43
CA ASP A 293 15.82 40.69 23.35
C ASP A 293 15.03 39.59 24.01
N THR A 294 14.36 39.93 25.09
CA THR A 294 13.68 38.97 25.94
C THR A 294 12.17 38.97 25.71
N LEU A 295 11.59 37.78 25.67
CA LEU A 295 10.16 37.64 25.43
C LEU A 295 9.39 37.77 26.74
N VAL A 296 8.31 38.54 26.70
CA VAL A 296 7.44 38.75 27.85
C VAL A 296 6.37 37.67 27.99
N ASP A 297 6.35 37.07 29.17
CA ASP A 297 5.35 36.08 29.53
C ASP A 297 3.95 36.57 29.18
N GLY A 298 3.20 35.72 28.47
CA GLY A 298 1.82 36.00 28.12
C GLY A 298 1.61 36.87 26.88
N LYS A 299 2.70 37.18 26.17
CA LYS A 299 2.61 38.02 24.98
C LYS A 299 2.66 37.23 23.69
N THR A 300 2.04 37.80 22.65
CA THR A 300 2.00 37.17 21.35
C THR A 300 2.95 37.94 20.41
N TYR A 301 3.64 37.20 19.56
CA TYR A 301 4.66 37.78 18.72
C TYR A 301 4.41 37.39 17.30
N THR A 302 4.64 38.32 16.39
CA THR A 302 4.49 37.98 14.98
C THR A 302 5.87 37.90 14.26
N VAL A 303 6.09 36.75 13.62
CA VAL A 303 7.33 36.44 12.92
C VAL A 303 7.17 36.50 11.41
N VAL A 304 7.76 37.51 10.81
CA VAL A 304 7.71 37.66 9.37
C VAL A 304 9.03 37.16 8.73
N THR A 305 8.92 36.10 7.94
CA THR A 305 10.05 35.51 7.23
C THR A 305 10.04 35.93 5.78
N SER A 306 11.19 36.34 5.27
CA SER A 306 11.31 36.70 3.87
C SER A 306 12.64 36.22 3.36
N GLY A 307 12.75 36.06 2.06
CA GLY A 307 14.03 35.76 1.43
C GLY A 307 14.58 34.34 1.61
N LEU A 308 13.81 33.45 2.20
CA LEU A 308 14.24 32.07 2.34
C LEU A 308 14.16 31.32 1.01
N LYS A 309 15.09 30.39 0.79
CA LYS A 309 15.02 29.52 -0.39
C LYS A 309 15.07 28.05 -0.01
N ASP A 310 14.70 27.20 -0.96
CA ASP A 310 14.75 25.74 -0.80
C ASP A 310 16.16 25.20 -0.64
N THR A 311 16.25 23.95 -0.19
CA THR A 311 17.50 23.22 -0.26
C THR A 311 17.90 23.13 -1.73
N ALA A 312 16.95 23.35 -2.62
CA ALA A 312 17.24 23.41 -4.03
C ALA A 312 16.33 24.36 -4.80
N GLY A 313 16.61 25.65 -4.72
CA GLY A 313 16.06 26.62 -5.66
C GLY A 313 14.84 27.44 -5.28
N LYS A 314 13.68 26.79 -5.17
CA LYS A 314 12.42 27.51 -5.00
C LYS A 314 12.45 28.47 -3.83
N GLU A 315 11.64 29.52 -3.90
CA GLU A 315 11.61 30.51 -2.84
C GLU A 315 10.40 30.30 -1.94
N PHE A 316 10.62 30.30 -0.62
CA PHE A 316 9.50 30.33 0.28
C PHE A 316 8.77 31.64 0.05
N GLU A 317 7.45 31.63 0.21
CA GLU A 317 6.72 32.88 0.11
C GLU A 317 6.92 33.68 1.40
N THR A 318 7.13 34.99 1.28
CA THR A 318 7.14 35.79 2.49
C THR A 318 5.93 35.33 3.31
N SER A 319 6.15 35.09 4.59
CA SER A 319 5.12 34.50 5.39
C SER A 319 5.04 35.17 6.76
N THR A 320 3.84 35.15 7.33
CA THR A 320 3.61 35.72 8.63
C THR A 320 3.08 34.61 9.51
N ASN A 321 3.68 34.46 10.69
CA ASN A 321 3.33 33.38 11.60
C ASN A 321 3.57 33.85 13.01
N GLU A 322 2.61 33.59 13.90
CA GLU A 322 2.75 34.03 15.28
C GLU A 322 2.90 32.88 16.27
N PHE A 323 3.38 33.23 17.46
CA PHE A 323 3.40 32.33 18.59
C PHE A 323 3.18 33.20 19.81
N THR A 324 2.85 32.57 20.93
CA THR A 324 2.56 33.26 22.17
C THR A 324 3.45 32.63 23.18
N TYR A 325 4.14 33.45 23.96
CA TYR A 325 5.06 32.94 24.97
C TYR A 325 4.37 32.82 26.33
N ASN A 326 4.39 31.62 26.89
CA ASN A 326 3.85 31.38 28.23
C ASN A 326 4.85 30.63 29.09
N LYS A 327 5.25 31.27 30.18
CA LYS A 327 6.11 30.66 31.17
C LYS A 327 5.24 29.89 32.16
N PRO A 328 5.35 28.55 32.16
CA PRO A 328 4.52 27.71 33.03
C PRO A 328 4.66 28.09 34.50
N VAL A 329 3.68 27.73 35.29
CA VAL A 329 3.70 28.03 36.70
C VAL A 329 3.73 26.75 37.51
N PRO A 330 4.95 26.32 37.89
CA PRO A 330 5.12 25.17 38.80
C PRO A 330 4.33 25.36 40.08
N ALA A 331 3.58 24.35 40.48
CA ALA A 331 2.84 24.43 41.72
C ALA A 331 3.26 23.30 42.64
N SER A 332 3.57 22.14 42.06
CA SER A 332 4.02 21.02 42.88
C SER A 332 5.19 20.25 42.24
N ILE A 333 5.94 19.54 43.08
CA ILE A 333 7.01 18.71 42.59
C ILE A 333 7.18 17.49 43.49
N THR A 334 7.31 16.32 42.86
CA THR A 334 7.51 15.08 43.61
C THR A 334 8.45 14.12 42.88
N PHE A 335 9.07 13.23 43.66
CA PHE A 335 9.89 12.15 43.14
C PHE A 335 8.97 11.04 42.63
N ASN A 336 9.33 10.44 41.51
CA ASN A 336 8.41 9.51 40.86
C ASN A 336 8.23 8.23 41.64
N PHE A 337 9.26 7.80 42.35
CA PHE A 337 9.16 6.58 43.12
C PHE A 337 9.82 6.72 44.47
N ASN A 338 9.59 5.75 45.35
CA ASN A 338 10.22 5.73 46.66
C ASN A 338 11.67 5.25 46.59
N LYS A 339 12.19 5.09 45.38
CA LYS A 339 13.49 4.47 45.17
C LYS A 339 14.25 4.96 43.92
N LEU A 340 15.56 4.77 43.95
CA LEU A 340 16.41 5.03 42.79
C LEU A 340 17.17 3.75 42.47
N PRO A 341 17.62 3.59 41.21
CA PRO A 341 18.45 2.44 40.85
C PRO A 341 19.85 2.57 41.47
N GLU A 342 20.62 1.47 41.50
CA GLU A 342 22.01 1.52 41.94
C GLU A 342 22.89 1.75 40.72
N ASP A 343 23.49 2.93 40.62
CA ASP A 343 24.32 3.27 39.48
C ASP A 343 25.32 4.33 39.90
N SER A 344 26.45 4.40 39.20
CA SER A 344 27.48 5.36 39.57
C SER A 344 27.15 6.79 39.08
N ALA A 345 26.13 6.94 38.26
CA ALA A 345 25.68 8.26 37.82
C ALA A 345 24.19 8.28 37.45
N VAL A 346 23.37 8.60 38.45
CA VAL A 346 21.92 8.66 38.31
C VAL A 346 21.48 10.12 38.15
N ASP A 347 20.89 10.43 37.00
CA ASP A 347 20.35 11.77 36.75
C ASP A 347 19.04 11.98 37.51
N LEU A 348 19.08 12.83 38.53
CA LEU A 348 17.92 13.11 39.35
C LEU A 348 16.73 13.81 38.66
N THR A 349 16.97 14.54 37.58
CA THR A 349 15.90 15.19 36.82
C THR A 349 14.95 14.17 36.15
N LYS A 350 15.42 12.93 36.01
CA LYS A 350 14.61 11.90 35.38
C LYS A 350 13.70 11.24 36.41
N TYR A 351 13.78 11.68 37.66
CA TYR A 351 13.07 10.98 38.72
C TYR A 351 12.08 11.84 39.43
N VAL A 352 11.79 12.96 38.81
CA VAL A 352 11.04 13.96 39.52
C VAL A 352 10.00 14.54 38.55
N THR A 353 8.80 14.81 39.07
CA THR A 353 7.74 15.36 38.23
C THR A 353 7.23 16.68 38.79
N VAL A 354 7.02 17.64 37.89
CA VAL A 354 6.53 18.96 38.22
C VAL A 354 5.14 19.20 37.61
N LYS A 355 4.22 19.74 38.41
CA LYS A 355 2.88 20.04 37.94
C LYS A 355 2.48 21.47 38.25
N ASP A 356 1.56 22.01 37.46
CA ASP A 356 0.93 23.29 37.78
C ASP A 356 -0.23 23.04 38.73
N ALA A 357 -0.93 24.11 39.10
CA ALA A 357 -1.98 24.03 40.14
C ALA A 357 -3.13 23.07 39.78
N ALA A 358 -3.54 23.12 38.52
CA ALA A 358 -4.52 22.18 37.97
C ALA A 358 -4.04 20.71 37.97
N GLY A 359 -2.74 20.50 38.22
CA GLY A 359 -2.22 19.16 38.35
C GLY A 359 -1.80 18.58 37.02
N ASN A 360 -1.64 19.45 36.03
CA ASN A 360 -1.04 19.07 34.76
C ASN A 360 0.47 19.07 34.89
N VAL A 361 1.08 18.04 34.31
CA VAL A 361 2.52 17.89 34.33
C VAL A 361 3.15 18.92 33.43
N ILE A 362 4.13 19.65 33.97
CA ILE A 362 4.87 20.64 33.21
C ILE A 362 6.13 20.00 32.65
N LYS A 363 6.15 19.77 31.34
CA LYS A 363 7.28 19.02 30.77
C LYS A 363 8.54 19.85 30.57
N SER A 364 8.40 21.13 30.26
CA SER A 364 9.58 21.97 30.04
C SER A 364 9.35 23.37 30.56
N GLY A 365 10.36 24.23 30.41
CA GLY A 365 10.23 25.63 30.77
C GLY A 365 10.53 25.93 32.22
N PHE A 366 11.39 25.13 32.85
CA PHE A 366 11.79 25.40 34.22
C PHE A 366 13.12 24.74 34.57
N GLU A 367 13.81 25.31 35.55
CA GLU A 367 15.06 24.76 36.03
C GLU A 367 14.93 24.04 37.38
N LEU A 368 15.75 23.01 37.55
CA LEU A 368 15.76 22.24 38.78
C LEU A 368 17.07 22.38 39.52
N GLU A 369 16.99 22.65 40.83
CA GLU A 369 18.19 22.63 41.65
C GLU A 369 18.05 21.56 42.72
N PHE A 370 19.15 20.89 43.04
CA PHE A 370 19.16 19.75 43.97
C PHE A 370 20.11 19.92 45.13
N THR A 371 19.74 19.33 46.26
CA THR A 371 20.70 19.07 47.31
C THR A 371 20.59 17.58 47.64
N SER A 372 21.64 17.05 48.21
CA SER A 372 21.69 15.62 48.45
C SER A 372 22.70 15.27 49.54
N SER A 373 22.46 14.13 50.16
CA SER A 373 23.42 13.51 51.03
C SER A 373 24.66 13.11 50.24
N GLU A 374 24.54 13.07 48.91
N GLU A 374 24.54 13.03 48.91
CA GLU A 374 25.62 12.59 48.05
CA GLU A 374 25.67 12.58 48.09
C GLU A 374 26.18 13.70 47.17
C GLU A 374 26.18 13.68 47.17
N LYS A 375 27.46 13.61 46.83
CA LYS A 375 28.08 14.60 45.97
C LYS A 375 27.39 14.62 44.60
N LEU A 376 27.05 15.82 44.16
CA LEU A 376 26.33 16.02 42.90
C LEU A 376 27.27 16.48 41.80
N THR A 377 27.18 15.84 40.64
CA THR A 377 27.96 16.24 39.47
C THR A 377 27.04 16.85 38.43
N GLN A 378 27.49 17.94 37.78
CA GLN A 378 26.64 18.71 36.87
C GLN A 378 25.36 19.19 37.55
N GLY A 379 25.36 19.23 38.88
CA GLY A 379 24.19 19.69 39.62
C GLY A 379 23.01 18.73 39.68
N LYS A 380 23.12 17.54 39.08
CA LYS A 380 21.98 16.63 38.95
C LYS A 380 22.28 15.12 39.03
N PHE A 381 23.55 14.73 38.86
CA PHE A 381 23.92 13.32 38.92
C PHE A 381 24.43 12.89 40.29
N ILE A 382 23.96 11.74 40.78
CA ILE A 382 24.57 11.13 41.98
C ILE A 382 24.99 9.67 41.81
N ASN A 383 25.95 9.24 42.62
CA ASN A 383 26.44 7.88 42.61
C ASN A 383 25.83 7.09 43.76
N THR A 384 24.97 6.11 43.44
CA THR A 384 24.25 5.35 44.46
C THR A 384 24.83 3.97 44.69
N THR A 385 25.92 3.66 43.98
CA THR A 385 26.54 2.34 44.07
C THR A 385 26.96 2.04 45.51
N GLY A 386 26.66 0.81 45.93
CA GLY A 386 26.95 0.35 47.27
C GLY A 386 26.16 1.05 48.36
N LYS A 387 25.10 1.76 47.98
CA LYS A 387 24.24 2.40 48.97
C LYS A 387 22.86 1.77 48.99
N LYS A 388 22.25 1.75 50.17
CA LYS A 388 20.90 1.23 50.29
C LYS A 388 19.87 2.36 50.45
N SER A 389 20.36 3.56 50.79
CA SER A 389 19.52 4.75 50.81
C SER A 389 20.32 5.98 50.39
N VAL A 390 19.60 7.04 50.01
CA VAL A 390 20.22 8.35 49.86
C VAL A 390 19.18 9.41 50.16
N ILE A 391 19.63 10.63 50.38
CA ILE A 391 18.72 11.71 50.66
C ILE A 391 18.85 12.78 49.60
N VAL A 392 17.71 13.23 49.08
CA VAL A 392 17.74 14.16 47.96
C VAL A 392 16.63 15.18 48.13
N ASN A 393 16.77 16.30 47.43
CA ASN A 393 15.84 17.41 47.51
C ASN A 393 15.78 18.13 46.16
N ALA A 394 14.63 18.08 45.51
CA ALA A 394 14.45 18.82 44.27
C ALA A 394 13.65 20.09 44.54
N THR A 395 14.17 21.21 44.06
CA THR A 395 13.49 22.48 44.16
C THR A 395 13.46 23.07 42.77
N VAL A 396 12.31 23.58 42.34
CA VAL A 396 12.21 24.27 41.06
C VAL A 396 12.81 25.65 41.25
N LYS A 397 13.89 25.94 40.55
CA LYS A 397 14.55 27.22 40.73
C LYS A 397 13.72 28.31 40.07
N GLY A 398 13.60 29.48 40.70
CA GLY A 398 14.07 29.72 42.06
C GLY A 398 12.82 30.11 42.84
N THR A 399 11.80 29.28 42.65
CA THR A 399 10.53 29.37 43.32
C THR A 399 10.61 28.66 44.65
N ASN A 400 9.47 28.42 45.28
CA ASN A 400 9.46 27.68 46.54
C ASN A 400 8.73 26.34 46.41
N VAL A 401 8.59 25.88 45.17
CA VAL A 401 8.05 24.55 44.92
C VAL A 401 9.18 23.58 45.11
N THR A 402 9.02 22.65 46.05
CA THR A 402 10.11 21.79 46.46
C THR A 402 9.64 20.46 47.05
N THR A 403 10.46 19.42 46.92
CA THR A 403 10.15 18.13 47.56
C THR A 403 10.42 18.14 49.09
N GLY A 404 11.26 19.06 49.56
CA GLY A 404 11.84 18.94 50.88
C GLY A 404 12.85 17.79 50.83
N ASN A 405 13.46 17.46 51.97
CA ASN A 405 14.40 16.33 52.03
C ASN A 405 13.67 15.00 52.06
N VAL A 406 14.06 14.13 51.14
CA VAL A 406 13.38 12.84 51.00
C VAL A 406 14.45 11.77 51.00
N ILE A 407 14.24 10.74 51.80
CA ILE A 407 15.18 9.63 51.79
C ILE A 407 14.64 8.57 50.82
N LEU A 408 15.43 8.24 49.81
CA LEU A 408 15.01 7.26 48.79
C LEU A 408 15.79 5.98 48.94
N ALA A 409 15.10 4.84 48.81
CA ALA A 409 15.79 3.55 48.83
C ALA A 409 16.63 3.46 47.58
N VAL A 410 17.67 2.64 47.62
CA VAL A 410 18.38 2.25 46.41
C VAL A 410 18.20 0.77 46.13
N GLU A 411 17.51 0.49 45.04
CA GLU A 411 17.17 -0.87 44.67
C GLU A 411 16.80 -0.82 43.21
N ASP A 412 17.19 -1.85 42.48
CA ASP A 412 16.62 -2.09 41.16
C ASP A 412 15.60 -3.21 41.31
#